data_7B4W
#
_entry.id   7B4W
#
_cell.length_a   50.400
_cell.length_b   67.060
_cell.length_c   93.110
_cell.angle_alpha   90.00
_cell.angle_beta   90.00
_cell.angle_gamma   90.00
#
_symmetry.space_group_name_H-M   'P 21 21 21'
#
loop_
_entity.id
_entity.type
_entity.pdbx_description
1 polymer 'Broadly neutralizing DARPin bnD.3'
2 polymer 'HIV-1 envelope variable loop 3 crown mimetic peptide V3-IF (BG505)'
3 non-polymer 'CALCIUM ION'
4 non-polymer 1,2-ETHANEDIOL
5 non-polymer 'SODIUM ION'
6 non-polymer 'ACETATE ION'
7 water water
#
loop_
_entity_poly.entity_id
_entity_poly.type
_entity_poly.pdbx_seq_one_letter_code
_entity_poly.pdbx_strand_id
1 'polypeptide(L)'
;SDLGKKLLEAARAGQDDEVRILMANGADVNAKDEYGATPLHLAAWTGHLEIVEVLLKTGADVNAVDSVGYTPLHLAAAEG
HLEIVEVLLKTGADVNAQDAQGITPLHLAAWYGHLEIVEVLLKHGADVNAQDKFGKTPFDLAIDNGNEDIAEVLQKAAKL
N
;
A,C
2 'polypeptide(L)' KSIRIGPGQAFYA(DPR)P B,D
#
# COMPACT_ATOMS: atom_id res chain seq x y z
N SER A 1 -16.81 4.19 21.01
CA SER A 1 -17.68 3.53 22.03
C SER A 1 -19.11 3.49 21.43
N ASP A 2 -20.12 3.73 22.26
CA ASP A 2 -21.50 4.13 21.83
C ASP A 2 -21.38 5.17 20.70
N LEU A 3 -20.46 6.13 20.85
CA LEU A 3 -20.36 7.22 19.86
C LEU A 3 -19.88 6.68 18.51
N GLY A 4 -19.03 5.65 18.48
CA GLY A 4 -18.48 5.04 17.25
C GLY A 4 -19.59 4.61 16.32
N LYS A 5 -20.59 3.91 16.84
CA LYS A 5 -21.77 3.46 16.05
C LYS A 5 -22.47 4.69 15.47
N LYS A 6 -22.78 5.68 16.32
CA LYS A 6 -23.47 6.92 15.90
C LYS A 6 -22.65 7.63 14.82
N LEU A 7 -21.32 7.68 14.99
CA LEU A 7 -20.39 8.32 14.03
C LEU A 7 -20.47 7.57 12.69
N LEU A 8 -20.45 6.22 12.71
CA LEU A 8 -20.53 5.46 11.43
C LEU A 8 -21.85 5.77 10.71
N GLU A 9 -22.95 5.87 11.43
CA GLU A 9 -24.30 6.08 10.83
C GLU A 9 -24.37 7.48 10.21
N ALA A 10 -23.81 8.48 10.90
CA ALA A 10 -23.89 9.89 10.49
C ALA A 10 -23.03 10.07 9.24
N ALA A 11 -21.82 9.50 9.24
CA ALA A 11 -20.87 9.50 8.10
C ALA A 11 -21.55 8.87 6.88
N ARG A 12 -22.22 7.73 7.13
CA ARG A 12 -22.89 6.92 6.07
C ARG A 12 -24.09 7.69 5.52
N ALA A 13 -24.85 8.39 6.38
CA ALA A 13 -26.10 9.09 6.03
C ALA A 13 -25.88 10.54 5.61
N GLY A 14 -24.64 11.04 5.69
CA GLY A 14 -24.32 12.40 5.22
C GLY A 14 -24.82 13.48 6.19
N GLN A 15 -24.88 13.18 7.48
CA GLN A 15 -25.26 14.16 8.53
C GLN A 15 -23.99 14.91 8.93
N ASP A 16 -23.54 15.91 8.15
CA ASP A 16 -22.18 16.48 8.34
C ASP A 16 -22.07 17.20 9.69
N ASP A 17 -23.07 17.93 10.12
CA ASP A 17 -22.97 18.69 11.41
C ASP A 17 -23.09 17.71 12.59
N GLU A 18 -23.81 16.59 12.42
CA GLU A 18 -23.87 15.52 13.48
C GLU A 18 -22.49 14.86 13.60
N VAL A 19 -21.79 14.63 12.48
CA VAL A 19 -20.39 14.17 12.50
C VAL A 19 -19.56 15.18 13.30
N ARG A 20 -19.70 16.47 13.03
CA ARG A 20 -18.87 17.49 13.71
C ARG A 20 -19.16 17.42 15.22
N ILE A 21 -20.45 17.32 15.61
CA ILE A 21 -20.91 17.25 17.03
C ILE A 21 -20.31 15.99 17.71
N LEU A 22 -20.41 14.81 17.09
CA LEU A 22 -19.87 13.58 17.73
C LEU A 22 -18.36 13.64 17.84
N MET A 23 -17.65 14.21 16.85
CA MET A 23 -16.16 14.28 16.90
C MET A 23 -15.78 15.18 18.10
N ALA A 24 -16.52 16.26 18.37
CA ALA A 24 -16.09 17.21 19.42
C ALA A 24 -16.44 16.61 20.79
N ASN A 25 -17.31 15.61 20.77
CA ASN A 25 -17.80 14.91 21.97
C ASN A 25 -16.97 13.65 22.21
N GLY A 26 -15.90 13.43 21.43
CA GLY A 26 -14.88 12.39 21.70
C GLY A 26 -15.06 11.10 20.90
N ALA A 27 -15.85 11.10 19.83
CA ALA A 27 -16.12 9.86 19.08
C ALA A 27 -14.80 9.37 18.45
N ASP A 28 -14.58 8.06 18.44
CA ASP A 28 -13.37 7.47 17.82
C ASP A 28 -13.45 7.64 16.30
N VAL A 29 -12.58 8.48 15.75
CA VAL A 29 -12.53 8.75 14.28
C VAL A 29 -12.30 7.43 13.53
N ASN A 30 -11.58 6.47 14.12
CA ASN A 30 -11.25 5.18 13.46
C ASN A 30 -12.10 4.00 13.99
N ALA A 31 -13.31 4.28 14.51
CA ALA A 31 -14.35 3.28 14.79
C ALA A 31 -14.57 2.46 13.51
N LYS A 32 -14.82 1.18 13.64
CA LYS A 32 -15.07 0.28 12.46
C LYS A 32 -16.37 -0.48 12.61
N ASP A 33 -17.13 -0.61 11.52
CA ASP A 33 -18.42 -1.34 11.50
C ASP A 33 -18.13 -2.85 11.40
N GLU A 34 -19.17 -3.68 11.23
CA GLU A 34 -18.98 -5.17 11.25
C GLU A 34 -18.02 -5.57 10.12
N TYR A 35 -17.90 -4.81 9.02
CA TYR A 35 -17.10 -5.25 7.85
C TYR A 35 -15.74 -4.52 7.83
N GLY A 36 -15.37 -3.82 8.93
CA GLY A 36 -14.08 -3.13 9.06
C GLY A 36 -14.05 -1.70 8.49
N ALA A 37 -15.18 -1.13 8.12
CA ALA A 37 -15.18 0.19 7.49
C ALA A 37 -15.13 1.24 8.61
N THR A 38 -14.32 2.25 8.41
CA THR A 38 -14.28 3.44 9.28
C THR A 38 -15.30 4.41 8.73
N PRO A 39 -15.62 5.46 9.51
CA PRO A 39 -16.45 6.55 9.01
C PRO A 39 -15.87 7.16 7.71
N LEU A 40 -14.54 7.19 7.54
CA LEU A 40 -13.91 7.76 6.31
C LEU A 40 -14.26 6.85 5.10
N HIS A 41 -14.18 5.54 5.23
CA HIS A 41 -14.63 4.63 4.13
C HIS A 41 -16.09 4.92 3.77
N LEU A 42 -16.98 5.05 4.76
CA LEU A 42 -18.43 5.17 4.47
C LEU A 42 -18.72 6.50 3.79
N ALA A 43 -18.03 7.57 4.19
CA ALA A 43 -18.23 8.93 3.61
C ALA A 43 -17.67 8.91 2.18
N ALA A 44 -16.50 8.33 2.00
CA ALA A 44 -15.86 8.28 0.66
C ALA A 44 -16.73 7.47 -0.30
N TRP A 45 -17.30 6.37 0.22
CA TRP A 45 -18.11 5.41 -0.57
C TRP A 45 -19.38 6.12 -1.02
N THR A 46 -19.96 6.87 -0.09
CA THR A 46 -21.31 7.48 -0.28
C THR A 46 -21.19 8.89 -0.88
N GLY A 47 -19.99 9.43 -1.11
CA GLY A 47 -19.84 10.71 -1.84
C GLY A 47 -20.11 11.94 -0.97
N HIS A 48 -19.94 11.81 0.36
CA HIS A 48 -20.11 12.91 1.34
C HIS A 48 -18.80 13.70 1.45
N LEU A 49 -18.57 14.67 0.55
CA LEU A 49 -17.24 15.34 0.45
C LEU A 49 -16.95 16.13 1.72
N GLU A 50 -17.92 16.87 2.24
CA GLU A 50 -17.66 17.69 3.42
C GLU A 50 -17.23 16.81 4.58
N ILE A 51 -17.91 15.70 4.76
CA ILE A 51 -17.60 14.75 5.86
C ILE A 51 -16.21 14.15 5.67
N VAL A 52 -15.88 13.76 4.44
CA VAL A 52 -14.47 13.35 4.15
C VAL A 52 -13.51 14.41 4.72
N GLU A 53 -13.71 15.68 4.37
CA GLU A 53 -12.76 16.76 4.76
C GLU A 53 -12.70 16.89 6.27
N VAL A 54 -13.86 16.92 6.94
CA VAL A 54 -13.98 16.94 8.43
C VAL A 54 -13.22 15.76 9.04
N LEU A 55 -13.44 14.54 8.53
CA LEU A 55 -12.77 13.38 9.16
C LEU A 55 -11.26 13.48 8.94
N LEU A 56 -10.85 13.89 7.77
CA LEU A 56 -9.40 13.97 7.52
C LEU A 56 -8.83 15.02 8.49
N LYS A 57 -9.50 16.14 8.68
CA LYS A 57 -8.97 17.20 9.58
C LYS A 57 -8.93 16.71 11.03
N THR A 58 -9.87 15.85 11.46
CA THR A 58 -10.00 15.39 12.86
C THR A 58 -9.29 14.03 13.00
N GLY A 59 -8.29 13.75 12.16
CA GLY A 59 -7.30 12.68 12.45
C GLY A 59 -7.58 11.34 11.80
N ALA A 60 -8.58 11.23 10.90
CA ALA A 60 -8.96 9.93 10.29
C ALA A 60 -7.71 9.30 9.63
N ASP A 61 -7.52 7.99 9.73
CA ASP A 61 -6.39 7.32 9.02
C ASP A 61 -6.81 7.18 7.54
N VAL A 62 -6.13 7.91 6.66
CA VAL A 62 -6.54 8.02 5.23
C VAL A 62 -6.37 6.67 4.52
N ASN A 63 -5.61 5.75 5.09
CA ASN A 63 -5.23 4.46 4.47
C ASN A 63 -5.75 3.30 5.33
N ALA A 64 -6.76 3.54 6.17
CA ALA A 64 -7.46 2.47 6.92
C ALA A 64 -7.85 1.40 5.89
N VAL A 65 -7.85 0.14 6.29
CA VAL A 65 -8.28 -0.96 5.39
C VAL A 65 -9.43 -1.69 6.04
N ASP A 66 -10.44 -2.05 5.24
CA ASP A 66 -11.60 -2.81 5.74
C ASP A 66 -11.25 -4.30 5.73
N SER A 67 -12.24 -5.15 5.96
CA SER A 67 -12.10 -6.63 6.05
C SER A 67 -11.62 -7.29 4.74
N VAL A 68 -11.72 -6.65 3.59
CA VAL A 68 -11.20 -7.23 2.31
C VAL A 68 -10.10 -6.33 1.74
N GLY A 69 -9.57 -5.39 2.54
CA GLY A 69 -8.40 -4.58 2.14
C GLY A 69 -8.77 -3.36 1.34
N TYR A 70 -10.03 -2.98 1.27
CA TYR A 70 -10.33 -1.67 0.60
C TYR A 70 -9.87 -0.52 1.48
N THR A 71 -9.28 0.50 0.85
CA THR A 71 -9.07 1.84 1.46
C THR A 71 -10.22 2.75 1.06
N PRO A 72 -10.43 3.90 1.74
CA PRO A 72 -11.43 4.86 1.27
C PRO A 72 -11.20 5.21 -0.22
N LEU A 73 -9.94 5.33 -0.64
CA LEU A 73 -9.66 5.72 -2.05
C LEU A 73 -10.21 4.64 -3.02
N HIS A 74 -10.17 3.37 -2.67
CA HIS A 74 -10.77 2.29 -3.49
C HIS A 74 -12.25 2.55 -3.72
N LEU A 75 -12.96 2.88 -2.65
CA LEU A 75 -14.42 3.01 -2.70
C LEU A 75 -14.77 4.29 -3.49
N ALA A 76 -14.07 5.40 -3.28
CA ALA A 76 -14.33 6.67 -4.02
C ALA A 76 -14.01 6.47 -5.51
N ALA A 77 -12.94 5.73 -5.81
CA ALA A 77 -12.52 5.46 -7.22
C ALA A 77 -13.58 4.56 -7.90
N ALA A 78 -14.15 3.58 -7.19
CA ALA A 78 -15.17 2.67 -7.75
C ALA A 78 -16.50 3.40 -8.01
N GLU A 79 -16.89 4.30 -7.12
CA GLU A 79 -18.14 5.10 -7.18
C GLU A 79 -18.01 6.28 -8.10
N GLY A 80 -16.80 6.64 -8.55
CA GLY A 80 -16.57 7.82 -9.41
C GLY A 80 -16.69 9.17 -8.70
N HIS A 81 -16.28 9.26 -7.43
CA HIS A 81 -16.43 10.52 -6.64
C HIS A 81 -15.14 11.34 -6.77
N LEU A 82 -15.08 12.17 -7.79
CA LEU A 82 -13.82 12.85 -8.22
C LEU A 82 -13.24 13.74 -7.13
N GLU A 83 -14.03 14.65 -6.59
CA GLU A 83 -13.51 15.60 -5.57
C GLU A 83 -12.99 14.84 -4.34
N ILE A 84 -13.66 13.75 -3.94
CA ILE A 84 -13.21 12.91 -2.79
C ILE A 84 -11.89 12.24 -3.14
N VAL A 85 -11.76 11.70 -4.35
CA VAL A 85 -10.47 11.09 -4.79
C VAL A 85 -9.35 12.13 -4.73
N GLU A 86 -9.61 13.35 -5.18
CA GLU A 86 -8.61 14.44 -5.12
C GLU A 86 -8.23 14.74 -3.65
N VAL A 87 -9.21 14.92 -2.76
CA VAL A 87 -8.88 15.37 -1.39
C VAL A 87 -8.15 14.23 -0.69
N LEU A 88 -8.59 13.01 -0.91
CA LEU A 88 -7.88 11.85 -0.33
C LEU A 88 -6.42 11.86 -0.79
N LEU A 89 -6.15 12.02 -2.08
CA LEU A 89 -4.76 11.98 -2.61
C LEU A 89 -3.95 13.19 -2.05
N LYS A 90 -4.57 14.34 -1.86
CA LYS A 90 -3.84 15.53 -1.31
C LYS A 90 -3.54 15.31 0.18
N THR A 91 -4.27 14.43 0.87
CA THR A 91 -4.10 14.23 2.33
C THR A 91 -3.44 12.87 2.59
N GLY A 92 -2.61 12.37 1.67
CA GLY A 92 -1.74 11.21 1.94
C GLY A 92 -2.32 9.83 1.62
N ALA A 93 -3.46 9.68 0.95
CA ALA A 93 -3.89 8.35 0.40
C ALA A 93 -2.77 7.66 -0.39
N ASP A 94 -2.61 6.35 -0.20
CA ASP A 94 -1.66 5.52 -0.99
C ASP A 94 -2.31 5.22 -2.35
N VAL A 95 -1.82 5.82 -3.42
CA VAL A 95 -2.53 5.76 -4.73
C VAL A 95 -2.50 4.31 -5.25
N ASN A 96 -1.54 3.53 -4.81
CA ASN A 96 -1.27 2.16 -5.31
C ASN A 96 -1.75 1.11 -4.31
N ALA A 97 -2.58 1.45 -3.30
CA ALA A 97 -3.04 0.48 -2.26
C ALA A 97 -3.66 -0.76 -2.96
N GLN A 98 -3.27 -1.97 -2.63
CA GLN A 98 -3.92 -3.17 -3.22
C GLN A 98 -4.80 -3.81 -2.15
N ASP A 99 -5.99 -4.21 -2.49
CA ASP A 99 -6.82 -4.99 -1.52
C ASP A 99 -6.30 -6.43 -1.47
N ALA A 100 -7.04 -7.32 -0.79
CA ALA A 100 -6.67 -8.74 -0.58
C ALA A 100 -6.64 -9.50 -1.92
N GLN A 101 -7.32 -9.02 -2.97
CA GLN A 101 -7.27 -9.62 -4.34
C GLN A 101 -6.30 -8.89 -5.26
N GLY A 102 -5.44 -8.02 -4.73
CA GLY A 102 -4.45 -7.27 -5.53
C GLY A 102 -5.10 -6.18 -6.36
N ILE A 103 -6.37 -5.83 -6.07
CA ILE A 103 -7.09 -4.79 -6.82
C ILE A 103 -6.73 -3.41 -6.28
N THR A 104 -6.36 -2.48 -7.17
CA THR A 104 -5.97 -1.08 -6.85
C THR A 104 -7.10 -0.14 -7.21
N PRO A 105 -7.01 1.13 -6.76
CA PRO A 105 -8.00 2.14 -7.13
C PRO A 105 -8.05 2.31 -8.66
N LEU A 106 -6.93 2.21 -9.36
CA LEU A 106 -6.87 2.37 -10.83
C LEU A 106 -7.64 1.23 -11.46
N HIS A 107 -7.58 0.02 -10.90
CA HIS A 107 -8.30 -1.15 -11.48
C HIS A 107 -9.78 -0.85 -11.39
N LEU A 108 -10.21 -0.29 -10.25
CA LEU A 108 -11.66 -0.10 -9.99
C LEU A 108 -12.20 1.00 -10.91
N ALA A 109 -11.48 2.11 -11.02
CA ALA A 109 -11.90 3.24 -11.87
C ALA A 109 -11.94 2.82 -13.34
N ALA A 110 -11.01 1.97 -13.77
CA ALA A 110 -10.97 1.45 -15.16
C ALA A 110 -12.20 0.59 -15.40
N TRP A 111 -12.47 -0.35 -14.49
CA TRP A 111 -13.61 -1.29 -14.66
C TRP A 111 -14.91 -0.50 -14.67
N TYR A 112 -15.12 0.40 -13.69
CA TYR A 112 -16.45 1.01 -13.48
C TYR A 112 -16.58 2.25 -14.36
N GLY A 113 -15.59 2.53 -15.23
CA GLY A 113 -15.79 3.47 -16.36
C GLY A 113 -15.54 4.93 -15.97
N HIS A 114 -14.72 5.20 -14.95
CA HIS A 114 -14.56 6.56 -14.42
C HIS A 114 -13.27 7.18 -15.00
N LEU A 115 -13.36 7.80 -16.17
CA LEU A 115 -12.19 8.24 -16.97
C LEU A 115 -11.43 9.40 -16.28
N GLU A 116 -12.16 10.40 -15.77
CA GLU A 116 -11.61 11.57 -15.06
C GLU A 116 -10.79 11.03 -13.88
N ILE A 117 -11.35 10.06 -13.14
CA ILE A 117 -10.72 9.42 -11.95
C ILE A 117 -9.45 8.72 -12.40
N VAL A 118 -9.55 7.97 -13.48
CA VAL A 118 -8.32 7.28 -14.02
C VAL A 118 -7.20 8.30 -14.26
N GLU A 119 -7.50 9.46 -14.84
CA GLU A 119 -6.48 10.50 -15.19
C GLU A 119 -5.88 11.09 -13.90
N VAL A 120 -6.73 11.29 -12.90
CA VAL A 120 -6.30 11.90 -11.63
C VAL A 120 -5.40 10.91 -10.90
N LEU A 121 -5.71 9.61 -10.99
CA LEU A 121 -4.88 8.57 -10.33
C LEU A 121 -3.52 8.54 -11.01
N LEU A 122 -3.48 8.58 -12.32
CA LEU A 122 -2.19 8.53 -13.07
C LEU A 122 -1.32 9.74 -12.71
N LYS A 123 -1.95 10.90 -12.66
CA LYS A 123 -1.33 12.21 -12.31
C LYS A 123 -0.63 12.05 -10.96
N HIS A 124 -1.26 11.35 -10.04
CA HIS A 124 -0.78 11.21 -8.64
C HIS A 124 0.09 9.96 -8.51
N GLY A 125 0.57 9.40 -9.61
CA GLY A 125 1.58 8.31 -9.61
C GLY A 125 0.99 6.89 -9.60
N ALA A 126 -0.29 6.66 -9.94
CA ALA A 126 -0.85 5.28 -10.01
C ALA A 126 0.04 4.45 -10.95
N ASP A 127 0.44 3.26 -10.49
CA ASP A 127 1.13 2.23 -11.31
C ASP A 127 0.15 1.80 -12.43
N VAL A 128 0.41 2.24 -13.65
CA VAL A 128 -0.47 2.07 -14.85
C VAL A 128 -0.74 0.58 -15.13
N ASN A 129 0.18 -0.33 -14.76
CA ASN A 129 0.08 -1.79 -15.05
C ASN A 129 0.23 -2.69 -13.80
N ALA A 130 -0.20 -2.19 -12.65
CA ALA A 130 -0.52 -2.98 -11.45
C ALA A 130 -1.29 -4.24 -11.90
N GLN A 131 -0.86 -5.41 -11.44
CA GLN A 131 -1.57 -6.71 -11.77
C GLN A 131 -2.32 -7.22 -10.56
N ASP A 132 -3.57 -7.65 -10.70
CA ASP A 132 -4.31 -8.25 -9.57
C ASP A 132 -3.88 -9.73 -9.43
N LYS A 133 -4.55 -10.49 -8.58
CA LYS A 133 -4.26 -11.92 -8.35
C LYS A 133 -4.49 -12.75 -9.61
N PHE A 134 -5.25 -12.26 -10.58
CA PHE A 134 -5.48 -12.95 -11.88
C PHE A 134 -4.55 -12.43 -12.97
N GLY A 135 -3.56 -11.61 -12.63
CA GLY A 135 -2.61 -11.11 -13.64
C GLY A 135 -3.23 -9.99 -14.44
N LYS A 136 -4.40 -9.47 -14.03
CA LYS A 136 -5.10 -8.45 -14.85
C LYS A 136 -4.59 -7.07 -14.50
N THR A 137 -4.38 -6.21 -15.52
CA THR A 137 -3.95 -4.78 -15.39
C THR A 137 -5.21 -3.93 -15.49
N PRO A 138 -5.15 -2.63 -15.14
CA PRO A 138 -6.33 -1.77 -15.34
C PRO A 138 -6.77 -1.72 -16.80
N PHE A 139 -5.81 -1.79 -17.69
CA PHE A 139 -6.08 -1.84 -19.16
C PHE A 139 -6.95 -3.04 -19.49
N ASP A 140 -6.61 -4.23 -18.99
CA ASP A 140 -7.35 -5.48 -19.30
C ASP A 140 -8.78 -5.33 -18.78
N LEU A 141 -8.95 -4.74 -17.57
CA LEU A 141 -10.28 -4.51 -16.96
C LEU A 141 -11.07 -3.51 -17.79
N ALA A 142 -10.47 -2.43 -18.28
CA ALA A 142 -11.14 -1.42 -19.14
C ALA A 142 -11.61 -2.11 -20.43
N ILE A 143 -10.71 -2.85 -21.09
CA ILE A 143 -11.09 -3.66 -22.30
C ILE A 143 -12.24 -4.60 -21.91
N ASP A 144 -12.13 -5.32 -20.79
CA ASP A 144 -13.07 -6.43 -20.48
C ASP A 144 -14.46 -5.86 -20.25
N ASN A 145 -14.54 -4.66 -19.63
CA ASN A 145 -15.87 -4.07 -19.37
C ASN A 145 -16.25 -3.00 -20.39
N GLY A 146 -15.67 -2.98 -21.61
CA GLY A 146 -16.18 -2.14 -22.74
C GLY A 146 -15.94 -0.63 -22.48
N ASN A 147 -14.83 -0.28 -21.81
CA ASN A 147 -14.37 1.12 -21.63
C ASN A 147 -13.08 1.35 -22.41
N GLU A 148 -13.11 1.19 -23.74
CA GLU A 148 -11.93 1.32 -24.65
C GLU A 148 -11.29 2.71 -24.56
N ASP A 149 -12.05 3.76 -24.30
CA ASP A 149 -11.51 5.14 -24.12
C ASP A 149 -10.54 5.17 -22.93
N ILE A 150 -10.90 4.49 -21.83
CA ILE A 150 -9.97 4.35 -20.66
C ILE A 150 -8.78 3.46 -21.05
N ALA A 151 -8.98 2.37 -21.79
CA ALA A 151 -7.85 1.56 -22.29
C ALA A 151 -6.85 2.48 -23.04
N GLU A 152 -7.29 3.42 -23.86
CA GLU A 152 -6.36 4.25 -24.65
C GLU A 152 -5.54 5.17 -23.75
N VAL A 153 -6.22 5.77 -22.80
CA VAL A 153 -5.55 6.61 -21.79
C VAL A 153 -4.45 5.78 -21.13
N LEU A 154 -4.73 4.51 -20.77
CA LEU A 154 -3.76 3.69 -19.99
C LEU A 154 -2.63 3.25 -20.94
N GLN A 155 -2.89 2.94 -22.20
CA GLN A 155 -1.78 2.44 -23.07
C GLN A 155 -0.82 3.61 -23.39
N LYS A 156 -1.30 4.85 -23.41
CA LYS A 156 -0.43 6.02 -23.67
C LYS A 156 0.46 6.34 -22.45
N ALA A 157 -0.06 6.21 -21.22
CA ALA A 157 0.74 6.40 -19.98
C ALA A 157 1.82 5.31 -19.89
N ALA A 158 1.53 4.07 -20.30
CA ALA A 158 2.51 2.94 -20.25
C ALA A 158 3.66 3.12 -21.26
N LYS A 159 3.39 3.58 -22.49
CA LYS A 159 4.46 3.81 -23.52
C LYS A 159 5.43 4.91 -23.08
N LEU A 160 4.99 5.86 -22.25
CA LEU A 160 5.71 7.13 -21.94
C LEU A 160 6.26 7.17 -20.49
N ASN A 161 6.02 6.11 -19.70
CA ASN A 161 6.32 6.00 -18.24
C ASN A 161 6.91 7.32 -17.70
N ASP B 2 5.75 -4.12 29.81
CA ASP B 2 5.56 -5.00 28.59
C ASP B 2 5.54 -4.15 27.31
N LEU B 3 6.48 -3.22 27.19
CA LEU B 3 6.48 -2.13 26.17
C LEU B 3 6.73 -2.69 24.77
N GLY B 4 7.73 -3.56 24.61
CA GLY B 4 8.16 -4.13 23.33
C GLY B 4 6.97 -4.57 22.49
N LYS B 5 6.03 -5.32 23.08
CA LYS B 5 4.83 -5.82 22.37
C LYS B 5 3.97 -4.63 21.95
N LYS B 6 3.72 -3.71 22.88
CA LYS B 6 2.93 -2.49 22.59
C LYS B 6 3.60 -1.74 21.44
N LEU B 7 4.95 -1.65 21.43
CA LEU B 7 5.67 -0.93 20.34
C LEU B 7 5.46 -1.64 19.00
N LEU B 8 5.39 -2.98 19.01
CA LEU B 8 5.17 -3.78 17.78
C LEU B 8 3.74 -3.60 17.27
N GLU B 9 2.73 -3.67 18.14
CA GLU B 9 1.29 -3.40 17.82
C GLU B 9 1.14 -2.08 17.08
N ALA B 10 1.69 -1.02 17.68
CA ALA B 10 1.45 0.39 17.30
C ALA B 10 2.20 0.67 16.01
N ALA B 11 3.36 0.04 15.84
CA ALA B 11 4.17 0.15 14.62
C ALA B 11 3.36 -0.45 13.46
N ARG B 12 2.71 -1.58 13.74
CA ARG B 12 1.93 -2.39 12.76
C ARG B 12 0.66 -1.65 12.35
N ALA B 13 0.03 -1.00 13.33
CA ALA B 13 -1.24 -0.27 13.16
C ALA B 13 -1.00 1.16 12.66
N GLY B 14 0.25 1.63 12.55
CA GLY B 14 0.52 3.02 12.11
C GLY B 14 0.08 4.04 13.16
N GLN B 15 0.31 3.79 14.43
CA GLN B 15 -0.07 4.82 15.45
C GLN B 15 1.17 5.61 15.83
N ASP B 16 1.52 6.54 14.93
CA ASP B 16 2.71 7.42 15.02
C ASP B 16 2.81 7.96 16.46
N ASP B 17 1.72 8.43 17.05
CA ASP B 17 1.78 9.16 18.34
C ASP B 17 1.88 8.13 19.49
N GLU B 18 1.16 7.01 19.37
CA GLU B 18 1.27 5.92 20.39
C GLU B 18 2.70 5.38 20.33
N VAL B 19 3.32 5.30 19.15
CA VAL B 19 4.75 4.87 19.01
C VAL B 19 5.66 5.82 19.79
N ARG B 20 5.54 7.12 19.53
CA ARG B 20 6.43 8.15 20.13
C ARG B 20 6.36 8.08 21.66
N ILE B 21 5.17 8.02 22.26
CA ILE B 21 5.03 8.01 23.75
C ILE B 21 5.71 6.74 24.29
N LEU B 22 5.49 5.57 23.64
CA LEU B 22 6.06 4.25 24.07
C LEU B 22 7.59 4.36 24.08
N MET B 23 8.19 4.96 23.05
CA MET B 23 9.67 5.07 22.95
C MET B 23 10.23 6.12 23.94
N ALA B 24 9.54 7.22 24.23
CA ALA B 24 10.02 8.18 25.23
C ALA B 24 9.90 7.55 26.63
N ASN B 25 9.10 6.49 26.78
CA ASN B 25 8.81 5.76 28.04
C ASN B 25 9.68 4.49 28.15
N GLY B 26 10.55 4.23 27.16
CA GLY B 26 11.65 3.25 27.25
C GLY B 26 11.47 1.98 26.41
N ALA B 27 10.42 1.85 25.59
CA ALA B 27 10.14 0.63 24.78
C ALA B 27 11.38 0.27 23.94
N ASP B 28 11.70 -1.01 23.83
CA ASP B 28 12.85 -1.49 23.03
C ASP B 28 12.48 -1.30 21.56
N VAL B 29 13.23 -0.46 20.86
CA VAL B 29 13.05 -0.20 19.42
C VAL B 29 13.54 -1.43 18.66
N ASN B 30 14.26 -2.37 19.27
CA ASN B 30 14.64 -3.60 18.52
C ASN B 30 14.00 -4.82 19.18
N ALA B 31 12.84 -4.62 19.81
CA ALA B 31 11.90 -5.69 20.17
C ALA B 31 11.67 -6.53 18.92
N LYS B 32 11.46 -7.82 19.06
CA LYS B 32 11.18 -8.74 17.94
C LYS B 32 9.87 -9.47 18.20
N ASP B 33 8.99 -9.59 17.21
CA ASP B 33 7.77 -10.41 17.37
C ASP B 33 8.12 -11.90 17.20
N GLU B 34 7.15 -12.80 17.19
CA GLU B 34 7.45 -14.26 17.25
C GLU B 34 8.09 -14.72 15.92
N TYR B 35 8.06 -13.92 14.84
CA TYR B 35 8.62 -14.24 13.49
C TYR B 35 9.92 -13.44 13.24
N GLY B 36 10.43 -12.78 14.30
CA GLY B 36 11.67 -11.97 14.29
C GLY B 36 11.47 -10.57 13.69
N ALA B 37 10.26 -10.12 13.40
CA ALA B 37 10.06 -8.75 12.89
C ALA B 37 10.29 -7.74 14.02
N THR B 38 10.98 -6.63 13.73
CA THR B 38 11.17 -5.46 14.61
C THR B 38 10.10 -4.45 14.25
N PRO B 39 9.86 -3.42 15.09
CA PRO B 39 8.95 -2.34 14.70
C PRO B 39 9.27 -1.74 13.33
N LEU B 40 10.55 -1.56 13.02
CA LEU B 40 10.95 -0.95 11.72
C LEU B 40 10.51 -1.86 10.56
N HIS B 41 10.67 -3.18 10.69
CA HIS B 41 10.08 -4.14 9.71
C HIS B 41 8.59 -3.82 9.52
N LEU B 42 7.82 -3.75 10.60
CA LEU B 42 6.33 -3.72 10.50
C LEU B 42 5.88 -2.40 9.90
N ALA B 43 6.58 -1.33 10.23
CA ALA B 43 6.21 0.02 9.75
C ALA B 43 6.69 0.14 8.29
N ALA B 44 7.80 -0.53 7.91
CA ALA B 44 8.28 -0.51 6.52
C ALA B 44 7.33 -1.30 5.59
N TRP B 45 6.92 -2.48 6.06
CA TRP B 45 5.87 -3.32 5.43
C TRP B 45 4.56 -2.54 5.20
N THR B 46 4.03 -1.90 6.25
CA THR B 46 2.67 -1.29 6.25
C THR B 46 2.70 0.12 5.65
N GLY B 47 3.86 0.68 5.33
CA GLY B 47 3.93 1.99 4.63
C GLY B 47 3.75 3.18 5.57
N HIS B 48 4.17 3.12 6.83
CA HIS B 48 4.02 4.25 7.78
C HIS B 48 5.33 5.03 7.83
N LEU B 49 5.50 6.01 6.93
CA LEU B 49 6.78 6.72 6.69
C LEU B 49 7.24 7.39 8.00
N GLU B 50 6.31 8.02 8.73
CA GLU B 50 6.62 8.85 9.92
C GLU B 50 7.25 7.94 10.96
N ILE B 51 6.65 6.75 11.10
CA ILE B 51 7.07 5.81 12.16
C ILE B 51 8.47 5.30 11.81
N VAL B 52 8.73 5.07 10.52
CA VAL B 52 10.04 4.62 10.02
C VAL B 52 11.12 5.64 10.35
N GLU B 53 10.87 6.91 10.12
CA GLU B 53 11.93 7.91 10.33
C GLU B 53 12.24 8.00 11.83
N VAL B 54 11.21 7.94 12.69
CA VAL B 54 11.42 8.11 14.16
C VAL B 54 12.13 6.88 14.72
N LEU B 55 11.84 5.69 14.18
CA LEU B 55 12.54 4.46 14.61
C LEU B 55 14.02 4.57 14.21
N LEU B 56 14.29 4.99 12.97
CA LEU B 56 15.71 5.18 12.54
C LEU B 56 16.42 6.25 13.37
N LYS B 57 15.75 7.37 13.67
CA LYS B 57 16.33 8.51 14.44
C LYS B 57 16.61 8.03 15.87
N THR B 58 15.84 7.09 16.40
CA THR B 58 16.06 6.61 17.79
C THR B 58 16.75 5.25 17.78
N GLY B 59 17.53 4.94 16.72
CA GLY B 59 18.62 3.94 16.72
C GLY B 59 18.20 2.56 16.25
N ALA B 60 17.12 2.44 15.46
CA ALA B 60 16.66 1.11 14.96
C ALA B 60 17.74 0.50 14.04
N ASP B 61 17.95 -0.82 14.08
CA ASP B 61 18.93 -1.47 13.18
C ASP B 61 18.26 -1.51 11.79
N VAL B 62 18.82 -0.76 10.85
CA VAL B 62 18.24 -0.61 9.48
C VAL B 62 18.34 -1.94 8.71
N ASN B 63 19.24 -2.84 9.09
CA ASN B 63 19.44 -4.15 8.40
C ASN B 63 19.04 -5.33 9.31
N ALA B 64 18.09 -5.12 10.21
CA ALA B 64 17.60 -6.21 11.07
C ALA B 64 17.03 -7.29 10.15
N VAL B 65 17.23 -8.58 10.46
CA VAL B 65 16.61 -9.61 9.57
C VAL B 65 15.63 -10.40 10.41
N ASP B 66 14.46 -10.73 9.86
CA ASP B 66 13.44 -11.57 10.54
C ASP B 66 13.82 -13.04 10.32
N SER B 67 12.95 -13.97 10.69
CA SER B 67 13.16 -15.43 10.70
C SER B 67 13.31 -16.02 9.27
N VAL B 68 12.97 -15.32 8.19
CA VAL B 68 13.21 -15.84 6.81
C VAL B 68 14.26 -14.96 6.10
N GLY B 69 14.91 -14.04 6.83
CA GLY B 69 16.03 -13.21 6.35
C GLY B 69 15.57 -11.94 5.66
N TYR B 70 14.30 -11.52 5.82
CA TYR B 70 13.85 -10.19 5.31
C TYR B 70 14.50 -9.07 6.11
N THR B 71 15.07 -8.07 5.45
CA THR B 71 15.33 -6.74 6.07
C THR B 71 14.10 -5.85 5.89
N PRO B 72 14.00 -4.72 6.62
CA PRO B 72 12.95 -3.75 6.33
C PRO B 72 12.92 -3.35 4.85
N LEU B 73 14.06 -3.26 4.17
CA LEU B 73 14.12 -2.86 2.74
C LEU B 73 13.39 -3.91 1.86
N HIS B 74 13.62 -5.22 2.08
CA HIS B 74 12.88 -6.31 1.36
C HIS B 74 11.39 -6.00 1.45
N LEU B 75 10.86 -5.65 2.64
CA LEU B 75 9.38 -5.54 2.79
C LEU B 75 8.84 -4.28 2.08
N ALA B 76 9.49 -3.13 2.24
CA ALA B 76 9.10 -1.87 1.57
C ALA B 76 9.17 -2.02 0.05
N ALA B 77 10.20 -2.70 -0.45
CA ALA B 77 10.43 -2.93 -1.91
C ALA B 77 9.33 -3.79 -2.47
N ALA B 78 8.94 -4.85 -1.76
CA ALA B 78 7.87 -5.76 -2.20
C ALA B 78 6.55 -5.03 -2.22
N GLU B 79 6.28 -4.22 -1.18
CA GLU B 79 4.98 -3.54 -1.09
C GLU B 79 4.93 -2.31 -1.98
N GLY B 80 6.04 -1.76 -2.42
CA GLY B 80 5.99 -0.56 -3.30
C GLY B 80 6.00 0.73 -2.50
N HIS B 81 6.61 0.77 -1.32
CA HIS B 81 6.67 2.03 -0.52
C HIS B 81 7.94 2.81 -0.90
N LEU B 82 7.85 3.68 -1.92
CA LEU B 82 9.00 4.35 -2.58
C LEU B 82 9.75 5.26 -1.58
N GLU B 83 9.05 6.07 -0.81
CA GLU B 83 9.70 7.08 0.08
C GLU B 83 10.41 6.29 1.21
N ILE B 84 9.74 5.28 1.74
CA ILE B 84 10.37 4.39 2.74
C ILE B 84 11.60 3.70 2.12
N VAL B 85 11.53 3.13 0.90
CA VAL B 85 12.77 2.57 0.28
C VAL B 85 13.88 3.64 0.30
N GLU B 86 13.58 4.87 -0.17
CA GLU B 86 14.59 5.97 -0.26
C GLU B 86 15.21 6.26 1.14
N VAL B 87 14.37 6.40 2.17
CA VAL B 87 14.83 6.69 3.56
C VAL B 87 15.71 5.53 4.06
N LEU B 88 15.29 4.27 3.85
CA LEU B 88 16.13 3.14 4.32
C LEU B 88 17.50 3.23 3.66
N LEU B 89 17.54 3.48 2.34
CA LEU B 89 18.83 3.46 1.62
C LEU B 89 19.70 4.63 2.12
N LYS B 90 19.05 5.79 2.31
CA LYS B 90 19.66 7.02 2.88
C LYS B 90 20.26 6.75 4.27
N THR B 91 19.69 5.81 5.03
CA THR B 91 20.08 5.49 6.43
C THR B 91 20.82 4.14 6.51
N GLY B 92 21.48 3.73 5.43
CA GLY B 92 22.47 2.63 5.46
C GLY B 92 21.90 1.25 5.13
N ALA B 93 20.65 1.12 4.65
CA ALA B 93 20.07 -0.19 4.29
C ALA B 93 20.98 -0.88 3.27
N ASP B 94 21.19 -2.18 3.41
CA ASP B 94 21.98 -2.98 2.44
C ASP B 94 21.11 -3.21 1.20
N VAL B 95 21.42 -2.52 0.10
CA VAL B 95 20.68 -2.57 -1.17
C VAL B 95 20.58 -4.03 -1.67
N ASN B 96 21.59 -4.87 -1.38
CA ASN B 96 21.76 -6.23 -1.96
C ASN B 96 21.53 -7.35 -0.93
N ALA B 97 20.92 -7.03 0.21
CA ALA B 97 20.60 -8.02 1.28
C ALA B 97 19.95 -9.28 0.65
N GLN B 98 20.47 -10.48 0.92
CA GLN B 98 19.80 -11.73 0.48
C GLN B 98 19.11 -12.38 1.66
N ASP B 99 17.84 -12.69 1.46
CA ASP B 99 17.04 -13.48 2.43
C ASP B 99 17.41 -14.96 2.32
N ALA B 100 16.74 -15.81 3.08
CA ALA B 100 17.15 -17.22 3.21
C ALA B 100 16.97 -17.96 1.90
N GLN B 101 16.23 -17.41 0.93
CA GLN B 101 16.03 -18.05 -0.38
C GLN B 101 16.86 -17.36 -1.48
N GLY B 102 17.77 -16.46 -1.10
CA GLY B 102 18.62 -15.69 -2.01
C GLY B 102 17.92 -14.49 -2.62
N ILE B 103 16.71 -14.22 -2.17
CA ILE B 103 15.88 -13.15 -2.75
C ILE B 103 16.37 -11.78 -2.23
N THR B 104 16.63 -10.83 -3.14
CA THR B 104 17.14 -9.47 -2.80
C THR B 104 15.98 -8.50 -2.93
N PRO B 105 16.13 -7.24 -2.49
CA PRO B 105 15.10 -6.24 -2.74
C PRO B 105 14.80 -5.98 -4.23
N LEU B 106 15.79 -6.10 -5.11
CA LEU B 106 15.53 -5.90 -6.57
C LEU B 106 14.62 -6.98 -7.13
N HIS B 107 14.79 -8.20 -6.66
CA HIS B 107 13.97 -9.36 -7.08
C HIS B 107 12.52 -9.06 -6.74
N LEU B 108 12.27 -8.63 -5.51
CA LEU B 108 10.90 -8.35 -5.02
C LEU B 108 10.29 -7.18 -5.80
N ALA B 109 11.00 -6.09 -5.99
CA ALA B 109 10.43 -4.94 -6.73
C ALA B 109 10.15 -5.36 -8.19
N ALA B 110 11.04 -6.18 -8.79
CA ALA B 110 10.91 -6.63 -10.19
C ALA B 110 9.69 -7.53 -10.27
N TRP B 111 9.53 -8.47 -9.30
CA TRP B 111 8.38 -9.43 -9.34
C TRP B 111 7.07 -8.65 -9.19
N TYR B 112 7.02 -7.76 -8.21
CA TYR B 112 5.73 -7.11 -7.83
C TYR B 112 5.47 -5.82 -8.63
N GLY B 113 6.27 -5.58 -9.66
CA GLY B 113 5.99 -4.57 -10.70
C GLY B 113 6.21 -3.13 -10.25
N HIS B 114 7.14 -2.87 -9.34
CA HIS B 114 7.36 -1.48 -8.83
C HIS B 114 8.54 -0.89 -9.60
N LEU B 115 8.27 -0.29 -10.75
CA LEU B 115 9.30 0.22 -11.71
C LEU B 115 10.07 1.37 -11.06
N GLU B 116 9.43 2.26 -10.29
CA GLU B 116 10.16 3.42 -9.68
C GLU B 116 11.12 2.93 -8.59
N ILE B 117 10.76 1.90 -7.81
CA ILE B 117 11.64 1.30 -6.77
C ILE B 117 12.82 0.59 -7.44
N VAL B 118 12.56 -0.13 -8.53
CA VAL B 118 13.63 -0.81 -9.32
C VAL B 118 14.70 0.25 -9.66
N GLU B 119 14.30 1.37 -10.22
CA GLU B 119 15.23 2.48 -10.62
C GLU B 119 16.01 3.01 -9.40
N VAL B 120 15.33 3.23 -8.27
CA VAL B 120 16.00 3.75 -7.06
C VAL B 120 16.96 2.70 -6.54
N LEU B 121 16.60 1.41 -6.59
CA LEU B 121 17.52 0.35 -6.11
C LEU B 121 18.75 0.32 -7.04
N LEU B 122 18.55 0.34 -8.36
CA LEU B 122 19.65 0.30 -9.35
C LEU B 122 20.59 1.49 -9.18
N LYS B 123 20.01 2.69 -9.01
CA LYS B 123 20.73 3.95 -8.69
C LYS B 123 21.65 3.74 -7.47
N HIS B 124 21.21 3.02 -6.40
CA HIS B 124 22.05 2.78 -5.20
C HIS B 124 22.82 1.47 -5.35
N GLY B 125 22.86 0.90 -6.57
CA GLY B 125 23.82 -0.15 -6.96
C GLY B 125 23.28 -1.56 -6.72
N ALA B 126 21.97 -1.76 -6.83
CA ALA B 126 21.38 -3.11 -6.79
C ALA B 126 22.09 -4.00 -7.82
N ASP B 127 22.28 -5.26 -7.45
CA ASP B 127 23.05 -6.28 -8.19
C ASP B 127 22.10 -6.93 -9.18
N VAL B 128 22.17 -6.52 -10.44
CA VAL B 128 21.21 -6.96 -11.51
C VAL B 128 21.41 -8.45 -11.81
N ASN B 129 22.56 -9.02 -11.41
CA ASN B 129 22.99 -10.41 -11.70
C ASN B 129 22.76 -11.30 -10.49
N ALA B 130 22.19 -10.75 -9.40
CA ALA B 130 21.88 -11.51 -8.17
C ALA B 130 20.98 -12.73 -8.50
N GLN B 131 21.38 -13.95 -8.13
CA GLN B 131 20.59 -15.19 -8.38
C GLN B 131 20.04 -15.74 -7.07
N ASP B 132 18.74 -16.05 -7.05
CA ASP B 132 18.08 -16.67 -5.87
C ASP B 132 18.36 -18.16 -5.89
N LYS B 133 17.74 -18.92 -4.99
CA LYS B 133 18.07 -20.34 -4.78
C LYS B 133 17.62 -21.15 -5.99
N PHE B 134 16.74 -20.62 -6.83
CA PHE B 134 16.32 -21.30 -8.10
C PHE B 134 17.09 -20.74 -9.28
N GLY B 135 18.19 -20.01 -9.04
CA GLY B 135 19.06 -19.45 -10.09
C GLY B 135 18.41 -18.28 -10.83
N LYS B 136 17.37 -17.66 -10.27
CA LYS B 136 16.57 -16.62 -10.95
C LYS B 136 17.13 -15.24 -10.60
N THR B 137 17.24 -14.41 -11.62
CA THR B 137 17.70 -13.01 -11.53
C THR B 137 16.47 -12.12 -11.47
N PRO B 138 16.56 -10.85 -11.02
CA PRO B 138 15.36 -9.99 -11.02
C PRO B 138 14.76 -9.87 -12.42
N PHE B 139 15.60 -9.96 -13.44
CA PHE B 139 15.15 -9.99 -14.84
C PHE B 139 14.18 -11.17 -15.07
N ASP B 140 14.63 -12.36 -14.67
CA ASP B 140 13.85 -13.59 -14.84
C ASP B 140 12.52 -13.40 -14.12
N LEU B 141 12.55 -12.77 -12.93
N LEU B 141 12.55 -12.77 -12.93
CA LEU B 141 11.28 -12.61 -12.16
CA LEU B 141 11.33 -12.57 -12.09
C LEU B 141 10.36 -11.65 -12.92
C LEU B 141 10.38 -11.57 -12.75
N ALA B 142 10.90 -10.55 -13.44
CA ALA B 142 10.08 -9.54 -14.17
C ALA B 142 9.46 -10.19 -15.41
N ILE B 143 10.21 -11.05 -16.08
CA ILE B 143 9.69 -11.81 -17.25
C ILE B 143 8.61 -12.76 -16.75
N ASP B 144 8.89 -13.53 -15.68
CA ASP B 144 7.97 -14.61 -15.26
C ASP B 144 6.65 -14.00 -14.81
N ASN B 145 6.67 -12.79 -14.25
CA ASN B 145 5.38 -12.28 -13.74
C ASN B 145 4.83 -11.19 -14.65
N GLY B 146 5.25 -11.13 -15.91
CA GLY B 146 4.65 -10.25 -16.92
C GLY B 146 4.94 -8.76 -16.66
N ASN B 147 6.09 -8.41 -16.07
CA ASN B 147 6.54 -6.99 -15.97
C ASN B 147 7.67 -6.75 -16.99
N GLU B 148 7.32 -6.72 -18.27
CA GLU B 148 8.30 -6.60 -19.38
C GLU B 148 8.88 -5.19 -19.42
N ASP B 149 8.14 -4.17 -18.94
CA ASP B 149 8.66 -2.77 -18.83
C ASP B 149 9.87 -2.82 -17.88
N ILE B 150 9.77 -3.52 -16.74
CA ILE B 150 10.87 -3.63 -15.75
C ILE B 150 11.95 -4.55 -16.32
N ALA B 151 11.55 -5.61 -17.03
CA ALA B 151 12.52 -6.50 -17.71
C ALA B 151 13.39 -5.68 -18.67
N GLU B 152 12.79 -4.86 -19.53
CA GLU B 152 13.55 -4.00 -20.49
C GLU B 152 14.56 -3.12 -19.74
N VAL B 153 14.17 -2.56 -18.58
CA VAL B 153 15.02 -1.70 -17.73
C VAL B 153 16.20 -2.51 -17.18
N LEU B 154 15.96 -3.69 -16.62
CA LEU B 154 17.06 -4.49 -16.03
C LEU B 154 18.02 -4.99 -17.12
N GLN B 155 17.50 -5.34 -18.30
CA GLN B 155 18.33 -5.80 -19.44
C GLN B 155 19.28 -4.70 -19.92
N LYS B 156 18.86 -3.43 -19.83
CA LYS B 156 19.71 -2.27 -20.19
C LYS B 156 20.77 -2.10 -19.12
N ALA B 157 20.38 -2.17 -17.83
CA ALA B 157 21.28 -1.83 -16.71
C ALA B 157 22.44 -2.84 -16.71
N ALA B 158 22.12 -4.08 -17.07
CA ALA B 158 23.05 -5.22 -17.13
C ALA B 158 24.16 -4.91 -18.16
N LYS B 159 23.84 -4.09 -19.15
CA LYS B 159 24.74 -3.81 -20.31
C LYS B 159 25.72 -2.67 -19.99
N LEU B 160 25.31 -1.64 -19.25
CA LEU B 160 26.16 -0.49 -18.83
C LEU B 160 27.24 -0.92 -17.82
N LYS C 1 -19.96 -9.95 -12.14
CA LYS C 1 -19.41 -8.74 -11.49
C LYS C 1 -20.56 -8.00 -10.81
N SER C 2 -20.29 -7.19 -9.81
CA SER C 2 -21.37 -6.43 -9.15
C SER C 2 -21.41 -5.05 -9.80
N ILE C 3 -22.61 -4.50 -9.93
CA ILE C 3 -22.79 -3.16 -10.52
C ILE C 3 -22.15 -2.12 -9.57
N ARG C 4 -22.13 -2.41 -8.27
CA ARG C 4 -21.38 -1.61 -7.26
C ARG C 4 -20.62 -2.57 -6.36
N ILE C 5 -19.55 -2.10 -5.78
CA ILE C 5 -18.88 -2.79 -4.65
C ILE C 5 -19.13 -1.91 -3.43
N GLY C 6 -18.53 -2.27 -2.32
CA GLY C 6 -18.72 -1.51 -1.07
C GLY C 6 -17.82 -2.18 -0.05
N PRO C 7 -17.82 -1.68 1.21
CA PRO C 7 -16.95 -2.24 2.23
C PRO C 7 -17.22 -3.76 2.39
N GLY C 8 -16.21 -4.57 2.58
CA GLY C 8 -16.35 -6.02 2.84
C GLY C 8 -16.72 -6.80 1.58
N GLN C 9 -16.96 -6.12 0.45
CA GLN C 9 -17.52 -6.76 -0.78
C GLN C 9 -16.43 -6.85 -1.87
N ALA C 10 -15.69 -7.94 -1.90
CA ALA C 10 -14.55 -8.05 -2.83
C ALA C 10 -14.99 -7.90 -4.29
N PHE C 11 -14.12 -7.34 -5.11
CA PHE C 11 -14.38 -7.08 -6.54
C PHE C 11 -14.67 -8.38 -7.33
N TYR C 12 -13.87 -9.42 -7.10
CA TYR C 12 -14.01 -10.77 -7.71
C TYR C 12 -14.82 -11.69 -6.80
N ALA C 13 -16.08 -11.81 -7.14
CA ALA C 13 -17.07 -12.63 -6.42
C ALA C 13 -18.04 -13.25 -7.42
N PRO C 15 -20.31 -13.53 -10.51
CA PRO C 15 -20.83 -12.50 -11.41
C PRO C 15 -20.42 -11.11 -10.90
N LYS D 1 1.51 -18.34 -6.44
CA LYS D 1 2.25 -17.12 -6.00
C LYS D 1 1.28 -16.29 -5.15
N SER D 2 1.79 -15.37 -4.36
CA SER D 2 1.01 -14.59 -3.39
C SER D 2 0.99 -13.12 -3.84
N ILE D 3 -0.09 -12.37 -3.62
CA ILE D 3 -0.14 -10.95 -4.03
C ILE D 3 0.85 -10.17 -3.18
N ARG D 4 1.31 -10.71 -2.04
CA ARG D 4 2.25 -9.98 -1.17
C ARG D 4 3.05 -10.96 -0.32
N ILE D 5 4.18 -10.48 0.19
CA ILE D 5 4.89 -11.17 1.29
C ILE D 5 4.65 -10.38 2.56
N GLY D 6 5.41 -10.73 3.57
CA GLY D 6 5.29 -10.13 4.91
C GLY D 6 6.31 -10.80 5.79
N PRO D 7 6.46 -10.31 7.02
CA PRO D 7 7.47 -10.85 7.92
C PRO D 7 7.24 -12.36 8.12
N GLY D 8 8.28 -13.20 8.05
CA GLY D 8 8.20 -14.64 8.28
C GLY D 8 7.58 -15.38 7.10
N GLN D 9 7.25 -14.70 5.99
CA GLN D 9 6.48 -15.27 4.83
C GLN D 9 7.40 -15.30 3.60
N ALA D 10 8.15 -16.41 3.45
CA ALA D 10 9.12 -16.60 2.34
C ALA D 10 8.42 -16.34 1.01
N PHE D 11 9.15 -15.71 0.07
CA PHE D 11 8.68 -15.38 -1.30
C PHE D 11 8.26 -16.66 -2.06
N TYR D 12 9.06 -17.71 -2.00
CA TYR D 12 8.76 -19.00 -2.71
C TYR D 12 8.04 -19.92 -1.74
N ALA D 13 6.73 -19.97 -1.93
CA ALA D 13 5.80 -20.68 -1.02
C ALA D 13 4.69 -21.31 -1.85
N PRO D 15 1.81 -21.74 -4.45
CA PRO D 15 1.04 -20.80 -5.25
C PRO D 15 1.33 -19.36 -4.85
#